data_6A16
#
_entry.id   6A16
#
_cell.length_a   102.254
_cell.length_b   57.638
_cell.length_c   92.279
_cell.angle_alpha   90.00
_cell.angle_beta   100.43
_cell.angle_gamma   90.00
#
_symmetry.space_group_name_H-M   'C 1 2 1'
#
loop_
_entity.id
_entity.type
_entity.pdbx_description
1 polymer 'Cytochrome P450 90B1'
2 non-polymer 'PROTOPORPHYRIN IX CONTAINING FE'
3 non-polymer (1E,3S)-1-(4-chlorophenyl)-4,4-dimethyl-2-(1H-1,2,4-triazol-1-yl)pent-1-en-3-ol
4 non-polymer GLYCEROL
5 non-polymer 'CHLORIDE ION'
6 water water
#
_entity_poly.entity_id   1
_entity_poly.type   'polypeptide(L)'
_entity_poly.pdbx_seq_one_letter_code
;MAKRRNRKTRFNLPPGKSGWPFLGETIGYLKPYTATTLGDFMQQHVSKYGKIYRSNLFGEPTIVSADAGLNRFILQNEGR
LFECSYPRSIGGILGKWSMLVLVGDMHRDMRSISLNFLSHARLRTILLKDVERHTLFVLDSWQQNSIFSAQDEAKKFTFN
LMAKHIMSMDPGEEETEQLKKEYVTFMKGVVSAPLNLPGTAYHKALQSRATILKFIERKMEERKLDIKEEDQEEEEVKTE
DEAEMSKSDHVRKQRTDDDLLGWVLKHSNLSTEQILDLILSLLFAGHETSSVAIALAIFFLQACPKAVEELREEHLEIAR
AKKELGESELNWDDYKKMDFTQCVINETLRLGNVVRFLHRKALKDVRYKGYDIPSGWKVLPVISAVHLDNSRYDQPNLFN
PWRWQQQNNGASSSGSGSFSTWGNNYMPFGGGPRLCAGSELAKLEMAVFIHHLVLKFNWELAEDDKPFAFPFVDFPNGLL
IRVSRILHHHH
;
_entity_poly.pdbx_strand_id   A
#
# COMPACT_ATOMS: atom_id res chain seq x y z
N ARG A 10 -28.32 17.75 4.82
CA ARG A 10 -27.08 17.38 5.50
C ARG A 10 -27.21 17.41 7.02
N PHE A 11 -26.89 16.28 7.66
CA PHE A 11 -27.01 16.17 9.11
C PHE A 11 -25.91 16.96 9.80
N ASN A 12 -26.29 17.72 10.84
CA ASN A 12 -25.32 18.35 11.74
C ASN A 12 -25.24 17.48 13.00
N LEU A 13 -24.40 16.45 12.92
CA LEU A 13 -24.25 15.55 14.04
C LEU A 13 -23.54 16.25 15.19
N PRO A 14 -23.89 15.92 16.44
CA PRO A 14 -23.12 16.40 17.57
C PRO A 14 -21.66 16.00 17.42
N PRO A 15 -20.74 16.85 17.88
CA PRO A 15 -19.31 16.56 17.68
C PRO A 15 -18.87 15.32 18.45
N GLY A 16 -17.74 14.77 18.02
CA GLY A 16 -17.22 13.57 18.60
C GLY A 16 -15.99 13.12 17.85
N LYS A 17 -15.41 12.02 18.32
CA LYS A 17 -14.18 11.51 17.72
C LYS A 17 -14.46 10.92 16.34
N SER A 18 -13.60 11.25 15.38
CA SER A 18 -13.74 10.75 14.02
C SER A 18 -13.17 9.35 13.90
N GLY A 19 -13.65 8.62 12.89
CA GLY A 19 -13.10 7.32 12.56
C GLY A 19 -13.77 6.19 13.33
N TRP A 20 -13.04 5.08 13.40
CA TRP A 20 -13.50 3.90 14.13
C TRP A 20 -13.31 4.10 15.63
N PRO A 21 -14.11 3.42 16.45
CA PRO A 21 -13.95 3.52 17.90
C PRO A 21 -12.57 3.04 18.36
N PHE A 22 -12.00 3.77 19.31
CA PHE A 22 -10.72 3.45 19.92
C PHE A 22 -9.54 3.86 19.06
N LEU A 23 -9.55 3.50 17.77
CA LEU A 23 -8.39 3.70 16.92
C LEU A 23 -8.44 4.98 16.11
N GLY A 24 -9.61 5.58 15.91
CA GLY A 24 -9.71 6.72 15.02
C GLY A 24 -9.68 6.30 13.57
N GLU A 25 -9.06 7.13 12.72
CA GLU A 25 -9.14 6.94 11.26
C GLU A 25 -8.03 6.00 10.78
N THR A 26 -8.21 4.73 11.09
CA THR A 26 -7.33 3.68 10.58
C THR A 26 -8.11 2.40 10.47
N ILE A 27 -7.78 1.61 9.44
CA ILE A 27 -8.28 0.26 9.28
C ILE A 27 -7.14 -0.77 9.33
N GLY A 28 -5.95 -0.34 9.75
CA GLY A 28 -4.80 -1.21 9.86
C GLY A 28 -3.56 -0.78 9.10
N TYR A 29 -3.59 0.28 8.29
CA TYR A 29 -2.41 0.71 7.54
C TYR A 29 -2.20 2.21 7.69
N LEU A 30 -0.96 2.63 7.41
CA LEU A 30 -0.57 4.02 7.54
C LEU A 30 -1.26 4.84 6.45
N LYS A 31 -2.22 5.68 6.85
CA LYS A 31 -2.93 6.53 5.90
C LYS A 31 -2.63 7.99 6.20
N PRO A 32 -2.00 8.72 5.28
CA PRO A 32 -1.73 10.15 5.55
C PRO A 32 -3.02 10.95 5.73
N TYR A 33 -2.88 12.07 6.43
CA TYR A 33 -3.97 13.01 6.68
C TYR A 33 -5.03 12.46 7.63
N THR A 34 -4.71 11.47 8.45
CA THR A 34 -5.70 10.88 9.33
C THR A 34 -5.42 11.24 10.79
N ALA A 35 -6.49 11.27 11.58
CA ALA A 35 -6.39 11.42 13.03
C ALA A 35 -6.49 10.02 13.64
N THR A 36 -5.36 9.49 14.08
CA THR A 36 -5.25 8.12 14.58
C THR A 36 -4.77 8.12 16.01
N THR A 37 -5.31 7.19 16.81
CA THR A 37 -4.80 6.93 18.16
C THR A 37 -4.30 5.49 18.29
N LEU A 38 -3.96 4.85 17.16
CA LEU A 38 -3.54 3.45 17.19
C LEU A 38 -2.30 3.27 18.05
N GLY A 39 -1.31 4.15 17.88
CA GLY A 39 -0.05 3.97 18.59
C GLY A 39 -0.23 3.97 20.10
N ASP A 40 -0.97 4.93 20.63
CA ASP A 40 -1.21 4.98 22.06
C ASP A 40 -2.07 3.81 22.53
N PHE A 41 -3.12 3.50 21.79
CA PHE A 41 -3.95 2.34 22.13
C PHE A 41 -3.10 1.09 22.27
N MET A 42 -2.22 0.83 21.29
CA MET A 42 -1.43 -0.40 21.29
C MET A 42 -0.43 -0.41 22.43
N GLN A 43 0.28 0.70 22.63
CA GLN A 43 1.29 0.74 23.68
C GLN A 43 0.67 0.59 25.06
N GLN A 44 -0.48 1.22 25.29
CA GLN A 44 -1.12 1.12 26.60
C GLN A 44 -1.61 -0.30 26.87
N HIS A 45 -2.25 -0.93 25.89
CA HIS A 45 -2.80 -2.27 26.12
C HIS A 45 -1.71 -3.32 26.25
N VAL A 46 -0.68 -3.25 25.40
CA VAL A 46 0.42 -4.21 25.50
C VAL A 46 1.13 -4.05 26.84
N SER A 47 1.34 -2.80 27.26
CA SER A 47 1.97 -2.56 28.55
C SER A 47 1.15 -3.14 29.69
N LYS A 48 -0.17 -2.99 29.62
CA LYS A 48 -1.04 -3.40 30.73
C LYS A 48 -1.43 -4.87 30.69
N TYR A 49 -1.60 -5.45 29.50
CA TYR A 49 -2.11 -6.80 29.38
C TYR A 49 -1.15 -7.78 28.72
N GLY A 50 -0.04 -7.32 28.16
CA GLY A 50 0.85 -8.20 27.43
C GLY A 50 0.53 -8.25 25.95
N LYS A 51 1.27 -9.12 25.26
CA LYS A 51 1.29 -9.13 23.80
C LYS A 51 0.05 -9.76 23.16
N ILE A 52 -0.75 -10.49 23.93
CA ILE A 52 -1.99 -11.08 23.43
C ILE A 52 -3.11 -10.63 24.36
N TYR A 53 -4.01 -9.80 23.85
CA TYR A 53 -5.05 -9.23 24.70
C TYR A 53 -6.35 -9.13 23.93
N ARG A 54 -7.45 -8.94 24.67
CA ARG A 54 -8.77 -8.82 24.08
C ARG A 54 -9.26 -7.39 24.20
N SER A 55 -10.08 -6.99 23.24
CA SER A 55 -10.69 -5.67 23.21
C SER A 55 -11.98 -5.79 22.41
N ASN A 56 -12.54 -4.66 22.00
CA ASN A 56 -13.71 -4.66 21.13
C ASN A 56 -13.45 -3.61 20.06
N LEU A 57 -13.10 -4.07 18.86
CA LEU A 57 -12.61 -3.21 17.80
C LEU A 57 -13.41 -3.47 16.54
N PHE A 58 -13.70 -2.41 15.79
CA PHE A 58 -14.50 -2.50 14.58
C PHE A 58 -15.83 -3.21 14.85
N GLY A 59 -16.35 -3.01 16.06
CA GLY A 59 -17.69 -3.45 16.41
C GLY A 59 -17.83 -4.89 16.85
N GLU A 60 -16.74 -5.58 17.17
CA GLU A 60 -16.79 -6.99 17.51
C GLU A 60 -15.78 -7.30 18.61
N PRO A 61 -16.04 -8.33 19.42
CA PRO A 61 -15.00 -8.83 20.32
C PRO A 61 -13.78 -9.28 19.52
N THR A 62 -12.61 -8.89 19.99
CA THR A 62 -11.40 -8.98 19.18
C THR A 62 -10.21 -9.40 20.04
N ILE A 63 -9.39 -10.31 19.50
CA ILE A 63 -8.09 -10.63 20.07
C ILE A 63 -7.03 -9.93 19.23
N VAL A 64 -6.21 -9.10 19.87
CA VAL A 64 -5.11 -8.41 19.22
C VAL A 64 -3.82 -9.14 19.56
N SER A 65 -3.00 -9.42 18.54
CA SER A 65 -1.78 -10.18 18.72
C SER A 65 -0.57 -9.35 18.32
N ALA A 66 0.20 -8.93 19.31
CA ALA A 66 1.55 -8.42 19.10
C ALA A 66 2.61 -9.51 19.29
N ASP A 67 2.21 -10.77 19.13
CA ASP A 67 3.08 -11.92 19.36
C ASP A 67 3.49 -12.47 18.01
N ALA A 68 4.81 -12.45 17.73
CA ALA A 68 5.29 -12.84 16.42
C ALA A 68 4.95 -14.29 16.09
N GLY A 69 5.10 -15.19 17.07
CA GLY A 69 4.77 -16.58 16.81
C GLY A 69 3.31 -16.78 16.47
N LEU A 70 2.42 -16.15 17.25
CA LEU A 70 0.99 -16.28 16.97
C LEU A 70 0.64 -15.66 15.62
N ASN A 71 1.26 -14.52 15.28
CA ASN A 71 0.98 -13.90 13.99
C ASN A 71 1.37 -14.82 12.84
N ARG A 72 2.53 -15.46 12.95
CA ARG A 72 2.93 -16.44 11.94
C ARG A 72 1.95 -17.61 11.91
N PHE A 73 1.57 -18.10 13.09
CA PHE A 73 0.61 -19.21 13.16
C PHE A 73 -0.71 -18.83 12.50
N ILE A 74 -1.17 -17.60 12.69
CA ILE A 74 -2.44 -17.17 12.10
C ILE A 74 -2.34 -17.15 10.58
N LEU A 75 -1.30 -16.53 10.04
CA LEU A 75 -1.20 -16.35 8.60
C LEU A 75 -1.01 -17.67 7.88
N GLN A 76 -0.26 -18.60 8.47
CA GLN A 76 -0.04 -19.89 7.83
C GLN A 76 -1.28 -20.77 7.86
N ASN A 77 -2.19 -20.55 8.80
CA ASN A 77 -3.40 -21.36 8.91
C ASN A 77 -4.61 -20.70 8.29
N GLU A 78 -4.41 -19.81 7.31
CA GLU A 78 -5.52 -19.24 6.57
C GLU A 78 -6.30 -20.33 5.87
N GLY A 79 -7.63 -20.29 6.01
CA GLY A 79 -8.51 -21.28 5.43
C GLY A 79 -8.81 -22.47 6.32
N ARG A 80 -7.99 -22.73 7.34
CA ARG A 80 -8.19 -23.85 8.24
C ARG A 80 -8.63 -23.40 9.63
N LEU A 81 -7.88 -22.49 10.25
CA LEU A 81 -8.26 -21.94 11.54
C LEU A 81 -8.68 -20.48 11.48
N PHE A 82 -8.25 -19.74 10.47
CA PHE A 82 -8.56 -18.32 10.36
C PHE A 82 -8.90 -17.99 8.92
N GLU A 83 -9.59 -16.88 8.72
CA GLU A 83 -9.86 -16.38 7.38
C GLU A 83 -9.89 -14.86 7.41
N CYS A 84 -9.57 -14.25 6.28
CA CYS A 84 -9.69 -12.82 6.14
C CYS A 84 -11.13 -12.39 6.40
N SER A 85 -11.31 -11.31 7.17
CA SER A 85 -12.64 -10.93 7.61
C SER A 85 -12.64 -9.45 7.97
N TYR A 86 -13.17 -8.64 7.08
CA TYR A 86 -13.29 -7.21 7.37
C TYR A 86 -14.68 -6.91 7.92
N PRO A 87 -14.86 -5.74 8.52
CA PRO A 87 -16.20 -5.35 8.97
C PRO A 87 -17.17 -5.36 7.79
N ARG A 88 -18.42 -5.75 8.07
CA ARG A 88 -19.41 -5.82 7.00
C ARG A 88 -19.58 -4.48 6.30
N SER A 89 -19.44 -3.37 7.02
CA SER A 89 -19.59 -2.06 6.40
C SER A 89 -18.57 -1.87 5.28
N ILE A 90 -17.39 -2.50 5.38
CA ILE A 90 -16.39 -2.39 4.34
C ILE A 90 -16.88 -2.98 3.03
N GLY A 91 -17.75 -3.99 3.11
CA GLY A 91 -18.32 -4.55 1.89
C GLY A 91 -19.09 -3.51 1.08
N GLY A 92 -19.69 -2.54 1.76
CA GLY A 92 -20.39 -1.48 1.04
C GLY A 92 -19.47 -0.55 0.29
N ILE A 93 -18.23 -0.39 0.77
CA ILE A 93 -17.27 0.44 0.06
C ILE A 93 -16.62 -0.34 -1.08
N LEU A 94 -16.01 -1.48 -0.76
CA LEU A 94 -15.24 -2.23 -1.75
C LEU A 94 -16.10 -3.09 -2.66
N GLY A 95 -17.28 -3.49 -2.21
CA GLY A 95 -18.12 -4.32 -3.05
C GLY A 95 -18.14 -5.76 -2.58
N LYS A 96 -19.23 -6.45 -2.91
CA LYS A 96 -19.37 -7.85 -2.54
C LYS A 96 -18.33 -8.74 -3.20
N TRP A 97 -17.76 -8.32 -4.33
CA TRP A 97 -16.83 -9.15 -5.10
C TRP A 97 -15.39 -8.64 -5.05
N SER A 98 -15.07 -7.76 -4.11
CA SER A 98 -13.69 -7.31 -3.96
C SER A 98 -12.83 -8.43 -3.41
N MET A 99 -11.77 -8.78 -4.14
CA MET A 99 -10.91 -9.87 -3.69
C MET A 99 -10.23 -9.54 -2.37
N LEU A 100 -10.08 -8.26 -2.03
CA LEU A 100 -9.45 -7.89 -0.77
C LEU A 100 -10.24 -8.38 0.45
N VAL A 101 -11.54 -8.61 0.29
CA VAL A 101 -12.41 -9.04 1.38
C VAL A 101 -12.99 -10.42 1.16
N LEU A 102 -12.74 -11.04 0.00
CA LEU A 102 -13.36 -12.30 -0.34
C LEU A 102 -12.53 -13.47 0.17
N VAL A 103 -13.22 -14.57 0.48
CA VAL A 103 -12.61 -15.87 0.67
C VAL A 103 -13.33 -16.84 -0.27
N GLY A 104 -12.74 -18.01 -0.45
CA GLY A 104 -13.37 -19.03 -1.28
C GLY A 104 -12.82 -19.06 -2.70
N ASP A 105 -13.56 -19.79 -3.54
CA ASP A 105 -13.08 -20.08 -4.90
C ASP A 105 -12.92 -18.82 -5.73
N MET A 106 -13.83 -17.86 -5.59
CA MET A 106 -13.71 -16.65 -6.40
C MET A 106 -12.53 -15.79 -5.95
N HIS A 107 -12.17 -15.83 -4.67
CA HIS A 107 -10.93 -15.19 -4.26
C HIS A 107 -9.73 -15.87 -4.92
N ARG A 108 -9.74 -17.20 -4.95
CA ARG A 108 -8.64 -17.93 -5.55
C ARG A 108 -8.49 -17.56 -7.03
N ASP A 109 -9.62 -17.48 -7.76
CA ASP A 109 -9.57 -17.11 -9.17
C ASP A 109 -9.03 -15.70 -9.35
N MET A 110 -9.45 -14.77 -8.49
CA MET A 110 -9.02 -13.39 -8.64
C MET A 110 -7.56 -13.21 -8.24
N ARG A 111 -7.11 -13.95 -7.22
CA ARG A 111 -5.69 -13.93 -6.90
C ARG A 111 -4.85 -14.43 -8.07
N SER A 112 -5.33 -15.48 -8.75
CA SER A 112 -4.60 -16.00 -9.92
C SER A 112 -4.50 -14.94 -11.02
N ILE A 113 -5.58 -14.17 -11.21
CA ILE A 113 -5.53 -13.07 -12.18
C ILE A 113 -4.51 -12.03 -11.73
N SER A 114 -4.53 -11.66 -10.45
CA SER A 114 -3.62 -10.63 -9.97
C SER A 114 -2.16 -11.09 -10.07
N LEU A 115 -1.90 -12.36 -9.79
CA LEU A 115 -0.53 -12.88 -9.90
C LEU A 115 -0.03 -12.88 -11.34
N ASN A 116 -0.92 -13.09 -12.30
CA ASN A 116 -0.53 -13.00 -13.70
C ASN A 116 -0.29 -11.55 -14.11
N PHE A 117 -1.16 -10.65 -13.66
CA PHE A 117 -1.04 -9.23 -13.97
C PHE A 117 0.26 -8.64 -13.41
N LEU A 118 0.74 -9.16 -12.28
CA LEU A 118 1.89 -8.59 -11.58
C LEU A 118 3.09 -9.52 -11.59
N SER A 119 3.18 -10.42 -12.55
CA SER A 119 4.20 -11.46 -12.53
C SER A 119 5.60 -10.87 -12.73
N HIS A 120 6.60 -11.63 -12.28
CA HIS A 120 7.99 -11.27 -12.54
C HIS A 120 8.23 -11.04 -14.03
N ALA A 121 7.70 -11.95 -14.87
CA ALA A 121 7.87 -11.83 -16.31
C ALA A 121 7.34 -10.49 -16.83
N ARG A 122 6.21 -10.03 -16.32
CA ARG A 122 5.67 -8.77 -16.80
C ARG A 122 6.43 -7.57 -16.23
N LEU A 123 6.96 -7.68 -15.01
CA LEU A 123 7.82 -6.64 -14.49
C LEU A 123 9.02 -6.42 -15.41
N ARG A 124 9.70 -7.51 -15.77
CA ARG A 124 10.89 -7.40 -16.60
C ARG A 124 10.55 -6.82 -17.98
N THR A 125 9.51 -7.34 -18.62
CA THR A 125 9.30 -7.08 -20.04
C THR A 125 8.56 -5.78 -20.30
N ILE A 126 7.72 -5.33 -19.36
CA ILE A 126 6.75 -4.28 -19.66
C ILE A 126 6.72 -3.22 -18.57
N LEU A 127 6.53 -3.64 -17.32
CA LEU A 127 6.24 -2.68 -16.27
C LEU A 127 7.45 -1.83 -15.91
N LEU A 128 8.66 -2.41 -15.96
CA LEU A 128 9.85 -1.65 -15.61
C LEU A 128 9.98 -0.40 -16.48
N LYS A 129 9.87 -0.58 -17.80
CA LYS A 129 9.94 0.57 -18.71
C LYS A 129 8.93 1.64 -18.33
N ASP A 130 7.71 1.25 -18.01
CA ASP A 130 6.67 2.22 -17.69
C ASP A 130 6.83 2.81 -16.29
N VAL A 131 7.37 2.05 -15.34
CA VAL A 131 7.65 2.62 -14.03
C VAL A 131 8.61 3.80 -14.16
N GLU A 132 9.66 3.64 -14.96
CA GLU A 132 10.59 4.75 -15.17
C GLU A 132 9.90 5.93 -15.85
N ARG A 133 9.13 5.66 -16.91
CA ARG A 133 8.43 6.75 -17.58
C ARG A 133 7.55 7.52 -16.62
N HIS A 134 6.79 6.82 -15.78
CA HIS A 134 5.90 7.52 -14.86
C HIS A 134 6.67 8.20 -13.73
N THR A 135 7.79 7.62 -13.31
CA THR A 135 8.66 8.30 -12.36
C THR A 135 9.13 9.65 -12.91
N LEU A 136 9.69 9.65 -14.12
CA LEU A 136 10.20 10.88 -14.70
C LEU A 136 9.08 11.87 -14.96
N PHE A 137 7.91 11.38 -15.37
CA PHE A 137 6.77 12.28 -15.57
C PHE A 137 6.50 13.13 -14.33
N VAL A 138 6.55 12.51 -13.14
CA VAL A 138 6.29 13.26 -11.91
C VAL A 138 7.50 14.11 -11.54
N LEU A 139 8.70 13.52 -11.53
CA LEU A 139 9.88 14.25 -11.07
C LEU A 139 10.22 15.43 -11.98
N ASP A 140 9.99 15.32 -13.28
CA ASP A 140 10.32 16.41 -14.18
C ASP A 140 9.49 17.66 -13.93
N SER A 141 8.37 17.52 -13.22
CA SER A 141 7.49 18.65 -12.92
C SER A 141 7.84 19.35 -11.61
N TRP A 142 8.79 18.81 -10.84
CA TRP A 142 9.09 19.35 -9.52
C TRP A 142 9.86 20.65 -9.61
N GLN A 143 9.49 21.62 -8.77
CA GLN A 143 10.15 22.90 -8.67
C GLN A 143 10.92 22.98 -7.35
N GLN A 144 12.02 23.74 -7.37
CA GLN A 144 12.84 23.86 -6.17
C GLN A 144 12.30 24.92 -5.21
N ASN A 145 12.71 24.79 -3.95
CA ASN A 145 12.46 25.81 -2.92
C ASN A 145 10.96 26.05 -2.70
N SER A 146 10.14 25.05 -2.96
CA SER A 146 8.69 25.24 -2.93
C SER A 146 8.04 24.09 -2.19
N ILE A 147 7.37 24.39 -1.08
CA ILE A 147 6.83 23.36 -0.20
C ILE A 147 5.77 22.54 -0.94
N PHE A 148 5.85 21.22 -0.80
CA PHE A 148 4.83 20.35 -1.37
C PHE A 148 4.80 19.04 -0.60
N SER A 149 3.72 18.28 -0.81
CA SER A 149 3.53 17.01 -0.14
C SER A 149 4.24 15.90 -0.91
N ALA A 150 5.24 15.28 -0.29
CA ALA A 150 5.87 14.12 -0.91
C ALA A 150 4.88 12.98 -1.10
N GLN A 151 3.95 12.82 -0.15
CA GLN A 151 2.95 11.77 -0.26
C GLN A 151 2.05 11.99 -1.47
N ASP A 152 1.62 13.23 -1.69
CA ASP A 152 0.77 13.53 -2.85
C ASP A 152 1.50 13.21 -4.15
N GLU A 153 2.76 13.62 -4.24
CA GLU A 153 3.53 13.36 -5.46
C GLU A 153 3.78 11.87 -5.66
N ALA A 154 4.07 11.14 -4.58
CA ALA A 154 4.24 9.69 -4.70
C ALA A 154 2.95 9.03 -5.15
N LYS A 155 1.81 9.55 -4.70
CA LYS A 155 0.52 8.99 -5.08
C LYS A 155 0.20 9.30 -6.55
N LYS A 156 0.59 10.48 -7.03
CA LYS A 156 0.46 10.76 -8.46
C LYS A 156 1.19 9.71 -9.28
N PHE A 157 2.44 9.43 -8.91
CA PHE A 157 3.25 8.45 -9.62
C PHE A 157 2.61 7.05 -9.58
N THR A 158 2.30 6.55 -8.38
CA THR A 158 1.79 5.18 -8.28
C THR A 158 0.40 5.05 -8.90
N PHE A 159 -0.44 6.08 -8.78
CA PHE A 159 -1.77 6.01 -9.38
C PHE A 159 -1.69 6.03 -10.90
N ASN A 160 -0.91 6.96 -11.46
CA ASN A 160 -0.77 7.03 -12.92
C ASN A 160 -0.30 5.69 -13.48
N LEU A 161 0.73 5.11 -12.85
CA LEU A 161 1.25 3.82 -13.30
C LEU A 161 0.15 2.76 -13.32
N MET A 162 -0.60 2.65 -12.22
CA MET A 162 -1.63 1.61 -12.14
C MET A 162 -2.80 1.91 -13.07
N ALA A 163 -3.20 3.17 -13.17
CA ALA A 163 -4.27 3.53 -14.10
C ALA A 163 -3.89 3.22 -15.54
N LYS A 164 -2.62 3.41 -15.90
CA LYS A 164 -2.17 3.09 -17.25
C LYS A 164 -2.32 1.60 -17.53
N HIS A 165 -1.88 0.76 -16.61
CA HIS A 165 -1.84 -0.67 -16.88
C HIS A 165 -3.14 -1.38 -16.53
N ILE A 166 -4.04 -0.75 -15.79
CA ILE A 166 -5.35 -1.35 -15.55
C ILE A 166 -6.35 -0.90 -16.61
N MET A 167 -6.36 0.39 -16.98
CA MET A 167 -7.36 0.89 -17.92
C MET A 167 -6.79 1.72 -19.07
N SER A 168 -5.48 1.73 -19.26
CA SER A 168 -4.85 2.39 -20.40
C SER A 168 -5.02 3.91 -20.35
N MET A 169 -5.17 4.47 -19.15
CA MET A 169 -5.33 5.92 -19.02
C MET A 169 -3.96 6.58 -18.93
N ASP A 170 -3.81 7.70 -19.66
CA ASP A 170 -2.51 8.34 -19.78
C ASP A 170 -2.31 9.40 -18.69
N PRO A 171 -1.07 9.58 -18.25
CA PRO A 171 -0.81 10.48 -17.12
C PRO A 171 -1.06 11.93 -17.51
N GLY A 172 -1.58 12.69 -16.56
CA GLY A 172 -1.84 14.10 -16.77
C GLY A 172 -3.11 14.41 -17.54
N GLU A 173 -3.72 13.43 -18.20
CA GLU A 173 -4.97 13.67 -18.90
C GLU A 173 -6.08 14.00 -17.90
N GLU A 174 -6.99 14.89 -18.30
CA GLU A 174 -8.01 15.37 -17.38
C GLU A 174 -8.78 14.23 -16.73
N GLU A 175 -9.10 13.19 -17.50
CA GLU A 175 -9.84 12.06 -16.92
C GLU A 175 -9.01 11.32 -15.88
N THR A 176 -7.69 11.26 -16.06
CA THR A 176 -6.86 10.55 -15.09
C THR A 176 -6.76 11.31 -13.79
N GLU A 177 -6.63 12.63 -13.86
CA GLU A 177 -6.56 13.44 -12.66
C GLU A 177 -7.89 13.44 -11.91
N GLN A 178 -9.01 13.45 -12.64
CA GLN A 178 -10.31 13.42 -12.00
C GLN A 178 -10.56 12.08 -11.30
N LEU A 179 -10.18 10.97 -11.95
CA LEU A 179 -10.36 9.68 -11.29
C LEU A 179 -9.55 9.60 -10.02
N LYS A 180 -8.32 10.13 -10.04
CA LYS A 180 -7.48 10.12 -8.85
C LYS A 180 -8.14 10.91 -7.73
N LYS A 181 -8.71 12.08 -8.05
CA LYS A 181 -9.40 12.86 -7.03
C LYS A 181 -10.58 12.11 -6.46
N GLU A 182 -11.33 11.41 -7.31
CA GLU A 182 -12.47 10.64 -6.82
C GLU A 182 -12.01 9.54 -5.86
N TYR A 183 -10.85 8.93 -6.15
CA TYR A 183 -10.36 7.88 -5.25
C TYR A 183 -10.02 8.43 -3.87
N VAL A 184 -9.62 9.70 -3.78
CA VAL A 184 -9.33 10.29 -2.47
C VAL A 184 -10.58 10.22 -1.59
N THR A 185 -11.72 10.65 -2.12
CA THR A 185 -12.98 10.61 -1.38
C THR A 185 -13.40 9.18 -1.09
N PHE A 186 -13.23 8.30 -2.08
CA PHE A 186 -13.62 6.89 -1.93
C PHE A 186 -12.81 6.21 -0.82
N MET A 187 -11.48 6.39 -0.84
CA MET A 187 -10.63 5.64 0.09
C MET A 187 -10.77 6.15 1.52
N LYS A 188 -11.11 7.42 1.71
CA LYS A 188 -11.36 7.92 3.06
C LYS A 188 -12.50 7.18 3.74
N GLY A 189 -13.37 6.54 2.95
CA GLY A 189 -14.49 5.83 3.54
C GLY A 189 -14.07 4.67 4.42
N VAL A 190 -12.95 4.00 4.10
CA VAL A 190 -12.57 2.81 4.84
C VAL A 190 -12.07 3.14 6.24
N VAL A 191 -11.62 4.37 6.48
CA VAL A 191 -11.14 4.78 7.80
C VAL A 191 -12.17 5.65 8.52
N SER A 192 -13.36 5.81 7.95
CA SER A 192 -14.41 6.64 8.54
C SER A 192 -15.41 5.79 9.33
N ALA A 193 -16.02 6.41 10.33
CA ALA A 193 -17.15 5.78 10.99
C ALA A 193 -18.19 5.38 9.94
N PRO A 194 -18.64 4.13 9.94
CA PRO A 194 -19.55 3.67 8.87
C PRO A 194 -20.97 4.22 9.02
N LEU A 195 -21.10 5.55 8.97
CA LEU A 195 -22.39 6.22 9.18
C LEU A 195 -22.90 6.69 7.82
N ASN A 196 -23.94 6.03 7.31
CA ASN A 196 -24.48 6.37 5.99
C ASN A 196 -25.56 7.44 6.14
N LEU A 197 -25.11 8.65 6.43
CA LEU A 197 -25.96 9.81 6.58
C LEU A 197 -25.44 10.95 5.73
N PRO A 198 -26.33 11.78 5.19
CA PRO A 198 -25.88 12.91 4.36
C PRO A 198 -24.81 13.74 5.05
N GLY A 199 -23.73 14.01 4.33
CA GLY A 199 -22.67 14.87 4.84
C GLY A 199 -21.50 14.17 5.49
N THR A 200 -21.62 12.88 5.77
CA THR A 200 -20.51 12.17 6.42
C THR A 200 -19.49 11.72 5.37
N ALA A 201 -18.25 11.54 5.83
CA ALA A 201 -17.22 11.02 4.95
C ALA A 201 -17.61 9.67 4.37
N TYR A 202 -18.27 8.83 5.16
CA TYR A 202 -18.68 7.53 4.65
C TYR A 202 -19.71 7.67 3.54
N HIS A 203 -20.69 8.57 3.72
CA HIS A 203 -21.69 8.78 2.68
C HIS A 203 -21.05 9.30 1.39
N LYS A 204 -20.15 10.27 1.50
CA LYS A 204 -19.44 10.75 0.34
C LYS A 204 -18.64 9.63 -0.32
N ALA A 205 -18.00 8.77 0.48
CA ALA A 205 -17.25 7.65 -0.08
C ALA A 205 -18.16 6.72 -0.87
N LEU A 206 -19.38 6.50 -0.39
CA LEU A 206 -20.32 5.67 -1.14
C LEU A 206 -20.71 6.34 -2.46
N GLN A 207 -20.91 7.66 -2.43
CA GLN A 207 -21.17 8.39 -3.68
C GLN A 207 -19.99 8.26 -4.63
N SER A 208 -18.77 8.41 -4.13
CA SER A 208 -17.59 8.24 -4.98
C SER A 208 -17.54 6.84 -5.58
N ARG A 209 -17.91 5.82 -4.80
CA ARG A 209 -17.95 4.47 -5.34
C ARG A 209 -18.87 4.40 -6.56
N ALA A 210 -20.07 4.96 -6.45
CA ALA A 210 -20.99 4.94 -7.59
C ALA A 210 -20.39 5.66 -8.78
N THR A 211 -19.71 6.80 -8.54
CA THR A 211 -19.09 7.53 -9.64
C THR A 211 -17.98 6.73 -10.30
N ILE A 212 -17.14 6.07 -9.49
CA ILE A 212 -16.03 5.30 -10.05
C ILE A 212 -16.55 4.10 -10.83
N LEU A 213 -17.52 3.38 -10.26
CA LEU A 213 -18.08 2.21 -10.95
C LEU A 213 -18.67 2.59 -12.31
N LYS A 214 -19.35 3.74 -12.38
CA LYS A 214 -19.89 4.20 -13.66
C LYS A 214 -18.78 4.51 -14.65
N PHE A 215 -17.69 5.10 -14.17
CA PHE A 215 -16.53 5.36 -15.02
C PHE A 215 -15.93 4.06 -15.55
N ILE A 216 -15.76 3.07 -14.67
CA ILE A 216 -15.14 1.82 -15.09
C ILE A 216 -16.03 1.08 -16.09
N GLU A 217 -17.34 1.09 -15.86
CA GLU A 217 -18.23 0.40 -16.79
C GLU A 217 -18.21 1.07 -18.16
N ARG A 218 -18.07 2.39 -18.22
CA ARG A 218 -17.92 3.05 -19.50
C ARG A 218 -16.66 2.59 -20.22
N LYS A 219 -15.54 2.50 -19.48
CA LYS A 219 -14.31 1.97 -20.06
C LYS A 219 -14.49 0.53 -20.51
N MET A 220 -15.26 -0.25 -19.76
CA MET A 220 -15.47 -1.64 -20.14
C MET A 220 -16.23 -1.76 -21.45
N GLU A 221 -17.22 -0.89 -21.67
CA GLU A 221 -17.95 -0.93 -22.93
C GLU A 221 -17.04 -0.57 -24.10
N GLU A 222 -16.12 0.38 -23.89
CA GLU A 222 -15.16 0.72 -24.94
C GLU A 222 -14.22 -0.44 -25.22
N ARG A 223 -13.75 -1.11 -24.16
CA ARG A 223 -12.81 -2.22 -24.38
C ARG A 223 -13.49 -3.39 -25.06
N LYS A 224 -14.78 -3.64 -24.78
CA LYS A 224 -15.49 -4.70 -25.48
C LYS A 224 -15.51 -4.44 -26.98
N LEU A 225 -15.67 -3.17 -27.37
CA LEU A 225 -15.59 -2.82 -28.79
C LEU A 225 -14.18 -3.01 -29.33
N ASP A 226 -13.16 -2.63 -28.54
CA ASP A 226 -11.78 -2.84 -28.96
C ASP A 226 -11.52 -4.32 -29.25
N ILE A 227 -11.91 -5.19 -28.33
CA ILE A 227 -11.70 -6.63 -28.50
C ILE A 227 -12.37 -7.11 -29.78
N LYS A 228 -13.63 -6.73 -29.98
CA LYS A 228 -14.35 -7.12 -31.19
C LYS A 228 -13.65 -6.61 -32.45
N GLU A 229 -13.18 -5.35 -32.42
CA GLU A 229 -12.58 -4.77 -33.62
C GLU A 229 -11.24 -5.41 -33.95
N GLU A 230 -10.42 -5.67 -32.94
CA GLU A 230 -9.12 -6.28 -33.19
C GLU A 230 -9.21 -7.79 -33.42
N ASP A 231 -10.31 -8.42 -33.01
CA ASP A 231 -10.63 -9.74 -33.51
C ASP A 231 -10.69 -9.73 -35.04
N GLN A 232 -11.54 -8.87 -35.59
CA GLN A 232 -11.68 -8.72 -37.04
C GLN A 232 -10.46 -8.04 -37.64
N THR A 256 -4.88 -6.51 -27.64
CA THR A 256 -5.87 -5.62 -27.04
C THR A 256 -6.08 -5.96 -25.56
N ASP A 257 -5.55 -7.11 -25.14
CA ASP A 257 -5.46 -7.44 -23.73
C ASP A 257 -4.27 -6.78 -23.04
N ASP A 258 -3.78 -5.68 -23.61
CA ASP A 258 -2.64 -4.99 -23.02
C ASP A 258 -2.92 -4.59 -21.58
N ASP A 259 -4.06 -3.95 -21.32
CA ASP A 259 -4.36 -3.56 -19.96
C ASP A 259 -5.21 -4.62 -19.28
N LEU A 260 -5.27 -4.53 -17.94
CA LEU A 260 -5.94 -5.57 -17.18
C LEU A 260 -7.41 -5.69 -17.59
N LEU A 261 -8.06 -4.56 -17.85
CA LEU A 261 -9.47 -4.60 -18.26
C LEU A 261 -9.64 -5.48 -19.49
N GLY A 262 -8.82 -5.23 -20.52
CA GLY A 262 -8.90 -6.08 -21.71
C GLY A 262 -8.54 -7.52 -21.43
N TRP A 263 -7.53 -7.75 -20.58
CA TRP A 263 -7.10 -9.11 -20.29
C TRP A 263 -8.21 -9.91 -19.62
N VAL A 264 -8.87 -9.32 -18.63
CA VAL A 264 -9.93 -10.01 -17.89
C VAL A 264 -11.12 -10.30 -18.80
N LEU A 265 -11.43 -9.37 -19.71
CA LEU A 265 -12.55 -9.59 -20.60
C LEU A 265 -12.29 -10.77 -21.53
N LYS A 266 -11.05 -10.93 -21.98
CA LYS A 266 -10.73 -11.98 -22.94
C LYS A 266 -10.39 -13.32 -22.29
N HIS A 267 -9.76 -13.31 -21.11
CA HIS A 267 -9.16 -14.52 -20.56
C HIS A 267 -9.84 -15.04 -19.31
N SER A 268 -10.85 -14.35 -18.79
CA SER A 268 -11.54 -14.82 -17.59
C SER A 268 -13.03 -14.90 -17.87
N ASN A 269 -13.74 -15.56 -16.98
CA ASN A 269 -15.19 -15.71 -17.09
C ASN A 269 -15.90 -14.94 -15.97
N LEU A 270 -15.33 -13.80 -15.59
CA LEU A 270 -15.91 -12.98 -14.55
C LEU A 270 -17.14 -12.24 -15.05
N SER A 271 -18.12 -12.08 -14.17
CA SER A 271 -19.28 -11.27 -14.48
C SER A 271 -18.91 -9.78 -14.49
N THR A 272 -19.79 -8.98 -15.07
CA THR A 272 -19.59 -7.53 -15.08
C THR A 272 -19.36 -7.00 -13.68
N GLU A 273 -20.23 -7.36 -12.74
CA GLU A 273 -20.09 -6.88 -11.36
C GLU A 273 -18.75 -7.30 -10.76
N GLN A 274 -18.28 -8.50 -11.10
CA GLN A 274 -17.01 -8.98 -10.56
C GLN A 274 -15.83 -8.27 -11.20
N ILE A 275 -15.89 -8.03 -12.51
CA ILE A 275 -14.85 -7.24 -13.17
C ILE A 275 -14.77 -5.85 -12.56
N LEU A 276 -15.94 -5.23 -12.32
CA LEU A 276 -15.95 -3.87 -11.79
C LEU A 276 -15.30 -3.81 -10.42
N ASP A 277 -15.65 -4.74 -9.52
CA ASP A 277 -15.05 -4.73 -8.19
C ASP A 277 -13.56 -5.02 -8.25
N LEU A 278 -13.14 -5.91 -9.16
CA LEU A 278 -11.73 -6.26 -9.26
C LEU A 278 -10.90 -5.05 -9.68
N ILE A 279 -11.34 -4.33 -10.71
CA ILE A 279 -10.63 -3.13 -11.16
C ILE A 279 -10.61 -2.09 -10.06
N LEU A 280 -11.77 -1.82 -9.46
CA LEU A 280 -11.85 -0.85 -8.38
C LEU A 280 -10.86 -1.17 -7.26
N SER A 281 -10.77 -2.45 -6.88
CA SER A 281 -9.92 -2.86 -5.77
C SER A 281 -8.44 -2.85 -6.12
N LEU A 282 -8.08 -3.31 -7.32
CA LEU A 282 -6.67 -3.32 -7.68
C LEU A 282 -6.12 -1.92 -7.85
N LEU A 283 -6.93 -0.99 -8.36
CA LEU A 283 -6.46 0.38 -8.46
C LEU A 283 -6.30 1.02 -7.08
N PHE A 284 -7.19 0.69 -6.16
CA PHE A 284 -7.02 1.07 -4.75
C PHE A 284 -5.72 0.50 -4.20
N ALA A 285 -5.61 -0.82 -4.15
CA ALA A 285 -4.43 -1.45 -3.57
C ALA A 285 -3.16 -1.05 -4.32
N GLY A 286 -3.26 -0.83 -5.62
CA GLY A 286 -2.11 -0.55 -6.46
C GLY A 286 -1.46 0.80 -6.24
N HIS A 287 -2.10 1.73 -5.53
CA HIS A 287 -1.47 3.02 -5.29
C HIS A 287 -1.54 3.53 -3.85
N GLU A 288 -2.37 2.94 -2.99
CA GLU A 288 -2.46 3.41 -1.61
C GLU A 288 -1.17 3.14 -0.84
N THR A 289 -0.77 1.87 -0.76
CA THR A 289 0.35 1.50 0.11
C THR A 289 1.70 1.85 -0.50
N SER A 290 1.87 1.67 -1.82
CA SER A 290 3.18 1.94 -2.39
C SER A 290 3.52 3.42 -2.35
N SER A 291 2.53 4.30 -2.39
CA SER A 291 2.80 5.73 -2.23
C SER A 291 3.33 6.04 -0.85
N VAL A 292 2.70 5.45 0.18
CA VAL A 292 3.16 5.63 1.55
C VAL A 292 4.58 5.10 1.72
N ALA A 293 4.87 3.94 1.11
CA ALA A 293 6.20 3.37 1.23
C ALA A 293 7.25 4.33 0.68
N ILE A 294 6.97 4.98 -0.45
CA ILE A 294 7.92 5.92 -1.03
C ILE A 294 8.09 7.13 -0.13
N ALA A 295 6.98 7.65 0.41
CA ALA A 295 7.07 8.76 1.35
C ALA A 295 7.91 8.40 2.57
N LEU A 296 7.73 7.18 3.11
CA LEU A 296 8.54 6.73 4.24
C LEU A 296 10.02 6.74 3.90
N ALA A 297 10.38 6.26 2.69
CA ALA A 297 11.78 6.27 2.29
C ALA A 297 12.32 7.69 2.26
N ILE A 298 11.56 8.61 1.65
CA ILE A 298 11.95 10.02 1.63
C ILE A 298 12.13 10.54 3.06
N PHE A 299 11.23 10.16 3.97
CA PHE A 299 11.32 10.61 5.35
C PHE A 299 12.56 10.05 6.04
N PHE A 300 12.76 8.73 5.98
CA PHE A 300 13.91 8.12 6.64
C PHE A 300 15.23 8.63 6.05
N LEU A 301 15.29 8.83 4.74
CA LEU A 301 16.56 9.16 4.11
C LEU A 301 17.02 10.58 4.44
N GLN A 302 16.08 11.53 4.56
CA GLN A 302 16.47 12.88 4.93
C GLN A 302 17.10 12.94 6.32
N ALA A 303 16.89 11.92 7.15
CA ALA A 303 17.52 11.86 8.46
C ALA A 303 18.81 11.04 8.46
N CYS A 304 19.17 10.43 7.34
CA CYS A 304 20.33 9.53 7.26
C CYS A 304 21.20 9.93 6.06
N PRO A 305 21.98 11.00 6.18
CA PRO A 305 22.81 11.42 5.04
C PRO A 305 23.77 10.36 4.55
N LYS A 306 24.29 9.51 5.44
CA LYS A 306 25.19 8.45 5.01
C LYS A 306 24.52 7.51 4.01
N ALA A 307 23.25 7.18 4.25
CA ALA A 307 22.54 6.31 3.33
C ALA A 307 22.31 6.99 1.99
N VAL A 308 22.01 8.30 2.00
CA VAL A 308 21.83 9.01 0.74
C VAL A 308 23.12 8.99 -0.07
N GLU A 309 24.26 9.20 0.59
CA GLU A 309 25.54 9.17 -0.12
C GLU A 309 25.75 7.83 -0.80
N GLU A 310 25.54 6.74 -0.06
CA GLU A 310 25.78 5.42 -0.65
C GLU A 310 24.76 5.12 -1.76
N LEU A 311 23.52 5.60 -1.62
CA LEU A 311 22.56 5.46 -2.71
C LEU A 311 23.02 6.21 -3.96
N ARG A 312 23.41 7.46 -3.78
CA ARG A 312 23.88 8.26 -4.92
C ARG A 312 25.06 7.59 -5.60
N GLU A 313 26.02 7.10 -4.82
CA GLU A 313 27.15 6.35 -5.38
C GLU A 313 26.65 5.16 -6.20
N GLU A 314 25.73 4.39 -5.65
CA GLU A 314 25.22 3.22 -6.36
C GLU A 314 24.54 3.63 -7.67
N HIS A 315 23.66 4.63 -7.61
CA HIS A 315 22.90 4.99 -8.81
C HIS A 315 23.74 5.81 -9.79
N LEU A 316 24.74 6.55 -9.32
CA LEU A 316 25.67 7.18 -10.24
C LEU A 316 26.43 6.13 -11.06
N GLU A 317 26.88 5.06 -10.42
CA GLU A 317 27.58 4.00 -11.13
C GLU A 317 26.67 3.34 -12.17
N ILE A 318 25.40 3.12 -11.82
CA ILE A 318 24.47 2.56 -12.80
C ILE A 318 24.32 3.48 -14.00
N ALA A 319 24.20 4.79 -13.76
CA ALA A 319 24.08 5.73 -14.86
C ALA A 319 25.35 5.78 -15.71
N ARG A 320 26.51 5.71 -15.07
CA ARG A 320 27.77 5.72 -15.81
C ARG A 320 27.85 4.55 -16.78
N ALA A 321 27.60 3.34 -16.28
CA ALA A 321 27.65 2.16 -17.13
C ALA A 321 26.70 2.29 -18.31
N LYS A 322 25.49 2.83 -18.07
CA LYS A 322 24.53 2.96 -19.15
C LYS A 322 24.99 4.00 -20.18
N LYS A 323 25.57 5.11 -19.71
CA LYS A 323 26.13 6.08 -20.64
C LYS A 323 27.26 5.45 -21.46
N GLU A 324 28.12 4.67 -20.79
CA GLU A 324 29.22 4.00 -21.49
C GLU A 324 28.71 3.11 -22.62
N LEU A 325 27.48 2.61 -22.51
CA LEU A 325 26.88 1.75 -23.52
C LEU A 325 25.88 2.47 -24.40
N GLY A 326 25.67 3.76 -24.21
CA GLY A 326 24.72 4.49 -25.02
C GLY A 326 23.26 4.23 -24.72
N GLU A 327 22.95 3.52 -23.63
CA GLU A 327 21.57 3.27 -23.25
C GLU A 327 21.01 4.46 -22.48
N SER A 328 19.69 4.61 -22.54
CA SER A 328 19.03 5.73 -21.89
C SER A 328 17.93 5.28 -20.94
N GLU A 329 17.29 4.16 -21.22
CA GLU A 329 16.23 3.64 -20.38
C GLU A 329 16.71 2.46 -19.55
N LEU A 330 16.20 2.36 -18.32
CA LEU A 330 16.60 1.29 -17.41
C LEU A 330 16.15 -0.07 -17.95
N ASN A 331 16.94 -1.09 -17.66
CA ASN A 331 16.59 -2.47 -17.97
C ASN A 331 16.73 -3.33 -16.72
N TRP A 332 16.31 -4.60 -16.84
CA TRP A 332 16.30 -5.46 -15.68
C TRP A 332 17.69 -5.65 -15.09
N ASP A 333 18.73 -5.64 -15.94
CA ASP A 333 20.09 -5.75 -15.42
C ASP A 333 20.45 -4.55 -14.55
N ASP A 334 19.96 -3.36 -14.91
CA ASP A 334 20.18 -2.19 -14.06
C ASP A 334 19.52 -2.36 -12.70
N TYR A 335 18.26 -2.81 -12.71
CA TYR A 335 17.54 -3.05 -11.46
C TYR A 335 18.31 -4.00 -10.56
N LYS A 336 18.87 -5.07 -11.14
CA LYS A 336 19.59 -6.05 -10.34
C LYS A 336 20.88 -5.51 -9.74
N LYS A 337 21.38 -4.36 -10.21
CA LYS A 337 22.56 -3.75 -9.62
C LYS A 337 22.23 -2.94 -8.37
N MET A 338 20.96 -2.76 -8.04
CA MET A 338 20.57 -1.81 -6.99
C MET A 338 20.57 -2.49 -5.62
N ASP A 339 21.76 -2.98 -5.24
CA ASP A 339 21.89 -3.78 -4.03
C ASP A 339 21.59 -2.98 -2.78
N PHE A 340 22.24 -1.83 -2.61
CA PHE A 340 21.99 -1.04 -1.40
C PHE A 340 20.58 -0.45 -1.40
N THR A 341 20.04 -0.15 -2.58
CA THR A 341 18.66 0.30 -2.65
C THR A 341 17.72 -0.72 -2.02
N GLN A 342 17.95 -2.01 -2.30
CA GLN A 342 17.13 -3.05 -1.68
C GLN A 342 17.30 -3.06 -0.17
N CYS A 343 18.50 -2.75 0.33
CA CYS A 343 18.68 -2.62 1.77
C CYS A 343 17.84 -1.47 2.32
N VAL A 344 17.86 -0.32 1.63
CA VAL A 344 17.05 0.83 2.04
C VAL A 344 15.57 0.47 1.98
N ILE A 345 15.15 -0.25 0.95
CA ILE A 345 13.74 -0.63 0.82
C ILE A 345 13.34 -1.55 1.97
N ASN A 346 14.15 -2.58 2.24
CA ASN A 346 13.84 -3.48 3.34
C ASN A 346 13.75 -2.74 4.66
N GLU A 347 14.71 -1.84 4.91
CA GLU A 347 14.72 -1.12 6.19
C GLU A 347 13.55 -0.15 6.27
N THR A 348 13.20 0.49 5.15
CA THR A 348 12.05 1.40 5.15
C THR A 348 10.77 0.66 5.51
N LEU A 349 10.59 -0.54 4.96
CA LEU A 349 9.37 -1.29 5.23
C LEU A 349 9.38 -1.87 6.65
N ARG A 350 10.56 -2.30 7.13
CA ARG A 350 10.66 -2.83 8.48
C ARG A 350 10.29 -1.79 9.52
N LEU A 351 10.87 -0.60 9.42
CA LEU A 351 10.69 0.44 10.43
C LEU A 351 9.45 1.29 10.19
N GLY A 352 9.06 1.49 8.93
CA GLY A 352 7.93 2.35 8.64
C GLY A 352 6.58 1.66 8.77
N ASN A 353 6.54 0.35 8.54
CA ASN A 353 5.34 -0.48 8.76
C ASN A 353 4.09 0.17 8.15
N VAL A 354 4.11 0.23 6.82
CA VAL A 354 2.92 0.66 6.07
C VAL A 354 1.69 -0.06 6.58
N VAL A 355 1.78 -1.37 6.75
CA VAL A 355 0.69 -2.17 7.30
C VAL A 355 0.97 -2.43 8.77
N ARG A 356 0.10 -1.92 9.63
CA ARG A 356 0.25 -2.18 11.07
C ARG A 356 -0.37 -3.51 11.47
N PHE A 357 -1.61 -3.78 11.04
CA PHE A 357 -2.24 -5.05 11.38
C PHE A 357 -3.16 -5.49 10.25
N LEU A 358 -3.49 -6.78 10.25
CA LEU A 358 -4.40 -7.38 9.29
C LEU A 358 -5.69 -7.80 10.01
N HIS A 359 -6.70 -8.14 9.21
CA HIS A 359 -8.03 -8.50 9.72
C HIS A 359 -8.29 -9.97 9.49
N ARG A 360 -8.45 -10.73 10.58
CA ARG A 360 -8.79 -12.14 10.49
C ARG A 360 -9.96 -12.45 11.42
N LYS A 361 -10.53 -13.64 11.25
CA LYS A 361 -11.56 -14.16 12.12
C LYS A 361 -11.30 -15.65 12.33
N ALA A 362 -11.43 -16.10 13.58
CA ALA A 362 -11.21 -17.51 13.88
C ALA A 362 -12.35 -18.35 13.34
N LEU A 363 -12.00 -19.44 12.64
CA LEU A 363 -13.00 -20.39 12.13
C LEU A 363 -13.33 -21.47 13.13
N LYS A 364 -12.49 -21.66 14.16
CA LYS A 364 -12.71 -22.65 15.20
C LYS A 364 -12.12 -22.09 16.49
N ASP A 365 -12.46 -22.73 17.60
CA ASP A 365 -11.78 -22.43 18.85
C ASP A 365 -10.30 -22.78 18.70
N VAL A 366 -9.42 -21.84 19.01
CA VAL A 366 -7.99 -22.03 18.87
C VAL A 366 -7.30 -21.74 20.19
N ARG A 367 -6.33 -22.56 20.56
CA ARG A 367 -5.54 -22.33 21.77
C ARG A 367 -4.10 -22.10 21.38
N TYR A 368 -3.50 -21.06 21.95
CA TYR A 368 -2.11 -20.72 21.69
C TYR A 368 -1.51 -20.11 22.94
N LYS A 369 -0.40 -20.68 23.41
CA LYS A 369 0.27 -20.20 24.63
C LYS A 369 -0.68 -20.15 25.81
N GLY A 370 -1.58 -21.13 25.89
CA GLY A 370 -2.52 -21.24 26.98
C GLY A 370 -3.77 -20.39 26.84
N TYR A 371 -3.81 -19.45 25.89
CA TYR A 371 -5.00 -18.62 25.71
C TYR A 371 -5.95 -19.24 24.69
N ASP A 372 -7.23 -19.02 24.92
CA ASP A 372 -8.27 -19.48 24.02
C ASP A 372 -8.77 -18.32 23.17
N ILE A 373 -8.76 -18.51 21.85
CA ILE A 373 -9.39 -17.60 20.90
C ILE A 373 -10.73 -18.22 20.51
N PRO A 374 -11.86 -17.63 20.90
CA PRO A 374 -13.15 -18.26 20.61
C PRO A 374 -13.47 -18.25 19.13
N SER A 375 -14.11 -19.31 18.67
CA SER A 375 -14.62 -19.38 17.31
C SER A 375 -15.47 -18.14 17.01
N GLY A 376 -15.28 -17.58 15.82
CA GLY A 376 -16.06 -16.45 15.38
C GLY A 376 -15.55 -15.08 15.81
N TRP A 377 -14.62 -15.01 16.76
CA TRP A 377 -14.09 -13.72 17.15
C TRP A 377 -13.14 -13.17 16.10
N LYS A 378 -13.08 -11.84 16.02
CA LYS A 378 -12.07 -11.19 15.22
C LYS A 378 -10.70 -11.37 15.85
N VAL A 379 -9.68 -11.45 15.00
CA VAL A 379 -8.29 -11.57 15.41
C VAL A 379 -7.49 -10.59 14.55
N LEU A 380 -6.71 -9.72 15.21
CA LEU A 380 -5.89 -8.74 14.49
C LEU A 380 -4.42 -9.07 14.69
N PRO A 381 -3.78 -9.79 13.77
CA PRO A 381 -2.33 -9.96 13.85
C PRO A 381 -1.63 -8.64 13.57
N VAL A 382 -0.94 -8.11 14.57
CA VAL A 382 -0.17 -6.88 14.43
C VAL A 382 1.18 -7.23 13.82
N ILE A 383 1.23 -7.32 12.49
CA ILE A 383 2.38 -7.90 11.83
C ILE A 383 3.61 -7.02 11.96
N SER A 384 3.43 -5.72 12.26
CA SER A 384 4.58 -4.85 12.51
C SER A 384 5.33 -5.21 13.78
N ALA A 385 4.75 -6.03 14.65
CA ALA A 385 5.36 -6.29 15.96
C ALA A 385 6.73 -6.94 15.82
N VAL A 386 6.86 -7.97 14.99
CA VAL A 386 8.13 -8.67 14.89
C VAL A 386 9.22 -7.75 14.35
N HIS A 387 8.83 -6.72 13.58
CA HIS A 387 9.81 -5.81 13.00
C HIS A 387 10.49 -4.92 14.04
N LEU A 388 9.81 -4.65 15.15
CA LEU A 388 10.32 -3.77 16.18
C LEU A 388 10.83 -4.53 17.41
N ASP A 389 10.97 -5.84 17.30
CA ASP A 389 11.36 -6.69 18.41
C ASP A 389 12.87 -6.69 18.58
N ASN A 390 13.37 -6.19 19.71
CA ASN A 390 14.81 -6.16 19.91
C ASN A 390 15.41 -7.54 20.09
N SER A 391 14.58 -8.58 20.22
CA SER A 391 15.08 -9.95 20.18
C SER A 391 15.41 -10.39 18.77
N ARG A 392 14.76 -9.79 17.76
CA ARG A 392 14.98 -10.14 16.37
C ARG A 392 15.87 -9.15 15.63
N TYR A 393 15.98 -7.92 16.13
CA TYR A 393 16.75 -6.88 15.46
C TYR A 393 17.55 -6.10 16.49
N ASP A 394 18.82 -5.87 16.19
CA ASP A 394 19.66 -5.05 17.05
C ASP A 394 19.28 -3.58 16.85
N GLN A 395 18.80 -2.93 17.91
CA GLN A 395 18.38 -1.54 17.82
C GLN A 395 17.20 -1.39 16.85
N PRO A 396 16.07 -2.04 17.12
CA PRO A 396 14.99 -2.09 16.12
C PRO A 396 14.41 -0.73 15.77
N ASN A 397 14.55 0.26 16.65
CA ASN A 397 13.96 1.58 16.40
C ASN A 397 14.86 2.49 15.56
N LEU A 398 16.04 2.00 15.17
CA LEU A 398 16.99 2.79 14.42
C LEU A 398 16.90 2.43 12.94
N PHE A 399 16.87 3.45 12.09
CA PHE A 399 16.95 3.24 10.64
C PHE A 399 18.38 2.89 10.28
N ASN A 400 18.63 1.62 10.01
CA ASN A 400 19.98 1.12 9.72
C ASN A 400 19.91 0.19 8.52
N PRO A 401 19.95 0.73 7.31
CA PRO A 401 19.90 -0.13 6.11
C PRO A 401 21.09 -1.08 6.00
N TRP A 402 22.20 -0.77 6.64
CA TRP A 402 23.35 -1.67 6.59
C TRP A 402 23.11 -2.98 7.32
N ARG A 403 22.06 -3.06 8.16
CA ARG A 403 21.75 -4.33 8.80
C ARG A 403 21.38 -5.41 7.79
N TRP A 404 20.99 -5.03 6.58
CA TRP A 404 20.60 -5.99 5.56
C TRP A 404 21.77 -6.46 4.70
N GLN A 405 22.95 -5.89 4.90
CA GLN A 405 24.17 -6.52 4.43
C GLN A 405 24.67 -7.58 5.39
N GLN A 406 23.96 -7.76 6.52
CA GLN A 406 24.34 -8.68 7.58
C GLN A 406 25.49 -8.11 8.40
N GLY A 423 11.36 -13.61 4.59
CA GLY A 423 12.01 -13.75 5.87
C GLY A 423 11.07 -14.15 7.00
N ASN A 424 11.62 -14.77 8.04
CA ASN A 424 10.81 -15.21 9.16
C ASN A 424 10.55 -14.08 10.15
N ASN A 425 11.51 -13.17 10.31
CA ASN A 425 11.33 -11.97 11.14
C ASN A 425 10.95 -10.76 10.32
N TYR A 426 10.52 -10.95 9.08
CA TYR A 426 10.29 -9.86 8.14
C TYR A 426 9.04 -10.18 7.33
N MET A 427 7.97 -9.42 7.54
CA MET A 427 6.71 -9.73 6.87
C MET A 427 5.91 -8.47 6.54
N PRO A 428 6.51 -7.43 5.96
CA PRO A 428 5.73 -6.23 5.61
C PRO A 428 4.68 -6.48 4.56
N PHE A 429 4.79 -7.56 3.78
CA PHE A 429 3.79 -7.92 2.78
C PHE A 429 2.89 -9.06 3.25
N GLY A 430 2.92 -9.40 4.52
CA GLY A 430 2.10 -10.48 5.04
C GLY A 430 2.79 -11.82 4.90
N GLY A 431 1.99 -12.88 4.80
CA GLY A 431 2.55 -14.22 4.69
C GLY A 431 1.43 -15.22 4.49
N GLY A 432 1.82 -16.43 4.14
CA GLY A 432 0.86 -17.47 3.87
C GLY A 432 0.19 -17.28 2.52
N PRO A 433 -1.05 -17.76 2.40
CA PRO A 433 -1.69 -17.82 1.08
C PRO A 433 -2.12 -16.48 0.51
N ARG A 434 -2.26 -15.44 1.32
CA ARG A 434 -2.70 -14.13 0.84
C ARG A 434 -1.56 -13.12 0.75
N LEU A 435 -0.32 -13.58 0.79
CA LEU A 435 0.85 -12.73 0.63
C LEU A 435 0.66 -11.77 -0.54
N CYS A 436 1.03 -10.51 -0.32
CA CYS A 436 0.83 -9.45 -1.30
C CYS A 436 1.18 -9.88 -2.72
N ALA A 437 0.20 -9.79 -3.62
CA ALA A 437 0.45 -10.12 -5.02
C ALA A 437 1.28 -9.05 -5.74
N GLY A 438 1.35 -7.85 -5.19
CA GLY A 438 2.06 -6.77 -5.86
C GLY A 438 3.38 -6.39 -5.20
N SER A 439 3.93 -7.29 -4.37
CA SER A 439 5.11 -6.94 -3.59
C SER A 439 6.31 -6.63 -4.47
N GLU A 440 6.50 -7.39 -5.56
CA GLU A 440 7.67 -7.16 -6.40
C GLU A 440 7.53 -5.88 -7.20
N LEU A 441 6.32 -5.56 -7.67
CA LEU A 441 6.10 -4.27 -8.31
C LEU A 441 6.31 -3.13 -7.32
N ALA A 442 5.87 -3.30 -6.08
CA ALA A 442 6.04 -2.25 -5.07
C ALA A 442 7.51 -1.94 -4.86
N LYS A 443 8.35 -2.97 -4.75
CA LYS A 443 9.78 -2.75 -4.56
C LYS A 443 10.42 -2.15 -5.80
N LEU A 444 9.98 -2.58 -6.99
CA LEU A 444 10.48 -1.98 -8.22
C LEU A 444 10.11 -0.49 -8.29
N GLU A 445 8.89 -0.16 -7.89
CA GLU A 445 8.46 1.25 -7.91
C GLU A 445 9.32 2.09 -6.97
N MET A 446 9.55 1.60 -5.75
CA MET A 446 10.39 2.32 -4.80
C MET A 446 11.80 2.49 -5.34
N ALA A 447 12.37 1.40 -5.90
CA ALA A 447 13.75 1.42 -6.35
C ALA A 447 13.95 2.37 -7.53
N VAL A 448 13.02 2.34 -8.49
CA VAL A 448 13.18 3.22 -9.65
C VAL A 448 12.92 4.66 -9.27
N PHE A 449 11.96 4.90 -8.36
CA PHE A 449 11.73 6.26 -7.90
C PHE A 449 12.96 6.80 -7.16
N ILE A 450 13.52 6.00 -6.26
CA ILE A 450 14.73 6.40 -5.55
C ILE A 450 15.86 6.67 -6.53
N HIS A 451 16.01 5.83 -7.56
CA HIS A 451 17.09 5.98 -8.53
C HIS A 451 17.11 7.39 -9.11
N HIS A 452 15.98 7.83 -9.67
CA HIS A 452 15.95 9.16 -10.27
C HIS A 452 15.88 10.26 -9.23
N LEU A 453 15.23 10.01 -8.10
CA LEU A 453 15.18 11.02 -7.04
C LEU A 453 16.58 11.42 -6.59
N VAL A 454 17.43 10.44 -6.23
CA VAL A 454 18.73 10.80 -5.67
C VAL A 454 19.68 11.34 -6.73
N LEU A 455 19.47 10.98 -8.00
CA LEU A 455 20.29 11.57 -9.05
C LEU A 455 19.93 13.03 -9.30
N LYS A 456 18.67 13.40 -9.10
CA LYS A 456 18.21 14.72 -9.50
C LYS A 456 18.10 15.72 -8.37
N PHE A 457 17.83 15.28 -7.13
CA PHE A 457 17.46 16.22 -6.07
C PHE A 457 18.15 15.92 -4.74
N ASN A 458 18.35 16.98 -3.97
CA ASN A 458 18.41 16.91 -2.52
C ASN A 458 17.05 17.35 -1.97
N TRP A 459 16.75 16.93 -0.74
CA TRP A 459 15.46 17.31 -0.17
C TRP A 459 15.58 17.48 1.34
N GLU A 460 14.58 18.14 1.91
CA GLU A 460 14.56 18.48 3.32
C GLU A 460 13.11 18.56 3.76
N LEU A 461 12.84 18.20 5.01
CA LEU A 461 11.52 18.39 5.56
C LEU A 461 11.16 19.88 5.58
N ALA A 462 9.87 20.18 5.38
CA ALA A 462 9.44 21.57 5.39
C ALA A 462 9.92 22.30 6.64
N GLU A 463 9.81 21.66 7.80
CA GLU A 463 10.37 22.16 9.05
C GLU A 463 11.06 21.00 9.77
N ASP A 464 12.04 21.33 10.60
CA ASP A 464 12.78 20.31 11.33
C ASP A 464 12.06 19.87 12.61
N ASP A 465 10.77 19.57 12.52
CA ASP A 465 9.96 19.26 13.69
C ASP A 465 9.45 17.83 13.67
N LYS A 466 10.07 16.95 12.88
CA LYS A 466 9.56 15.61 12.61
C LYS A 466 10.64 14.57 12.92
N PRO A 467 10.81 14.20 14.19
CA PRO A 467 11.66 13.06 14.52
C PRO A 467 10.85 11.76 14.55
N PHE A 468 11.51 10.68 14.15
CA PHE A 468 10.87 9.37 14.20
C PHE A 468 10.62 9.00 15.66
N ALA A 469 9.37 9.06 16.08
CA ALA A 469 8.97 8.71 17.45
C ALA A 469 8.28 7.36 17.41
N PHE A 470 9.02 6.31 17.78
CA PHE A 470 8.48 4.99 18.01
C PHE A 470 7.16 5.11 18.77
N PRO A 471 6.16 4.26 18.47
CA PRO A 471 6.27 3.10 17.59
C PRO A 471 5.96 3.35 16.12
N PHE A 472 4.93 4.16 15.81
CA PHE A 472 4.42 4.28 14.46
C PHE A 472 4.61 5.70 13.94
N VAL A 473 5.08 5.81 12.70
CA VAL A 473 5.17 7.08 12.00
C VAL A 473 3.79 7.41 11.42
N ASP A 474 3.37 8.66 11.59
CA ASP A 474 2.17 9.17 10.94
C ASP A 474 2.54 10.36 10.07
N PHE A 475 1.71 10.61 9.05
CA PHE A 475 1.91 11.71 8.11
C PHE A 475 0.65 12.56 8.08
N PRO A 476 0.35 13.27 9.18
CA PRO A 476 -0.91 14.02 9.24
C PRO A 476 -1.00 15.14 8.22
N ASN A 477 0.13 15.64 7.71
CA ASN A 477 0.12 16.69 6.70
C ASN A 477 0.73 16.22 5.38
N GLY A 478 0.85 14.91 5.18
CA GLY A 478 1.31 14.37 3.92
C GLY A 478 2.79 14.50 3.65
N LEU A 479 3.62 14.61 4.68
CA LEU A 479 5.08 14.75 4.57
C LEU A 479 5.47 15.92 3.66
N LEU A 480 5.36 17.14 4.16
CA LEU A 480 5.75 18.31 3.40
C LEU A 480 7.27 18.42 3.33
N ILE A 481 7.81 18.62 2.12
CA ILE A 481 9.25 18.73 1.90
C ILE A 481 9.53 19.87 0.95
N ARG A 482 10.81 20.19 0.80
CA ARG A 482 11.31 21.07 -0.25
C ARG A 482 12.52 20.40 -0.90
N VAL A 483 12.67 20.60 -2.21
CA VAL A 483 13.77 19.98 -2.92
C VAL A 483 14.67 21.04 -3.54
N SER A 484 15.88 20.62 -3.86
CA SER A 484 16.88 21.43 -4.54
C SER A 484 17.50 20.59 -5.64
N ARG A 485 17.59 21.14 -6.85
CA ARG A 485 18.13 20.36 -7.95
C ARG A 485 19.64 20.23 -7.83
N ILE A 486 20.16 19.06 -8.18
CA ILE A 486 21.60 18.81 -8.04
C ILE A 486 22.37 19.49 -9.17
N LEU A 487 21.86 19.42 -10.40
CA LEU A 487 22.51 20.08 -11.53
C LEU A 487 23.98 19.67 -11.66
#